data_5XZB
#
_entry.id   5XZB
#
_cell.length_a   85.502
_cell.length_b   98.841
_cell.length_c   130.201
_cell.angle_alpha   90.000
_cell.angle_beta   90.000
_cell.angle_gamma   90.000
#
_symmetry.space_group_name_H-M   'I 2 2 2'
#
loop_
_entity.id
_entity.type
_entity.pdbx_description
1 polymer 'Cyclic GMP-AMP synthase'
2 polymer "DNA (5'-D(*AP*AP*AP*TP*TP*GP*CP*CP*GP*AP*AP*GP*AP*CP*G)-3')"
3 polymer "DNA (5'-D(P*CP*GP*TP*CP*TP*TP*CP*GP*GP*CP*AP*AP*TP*T)-3')"
4 non-polymer 'ZINC ION'
5 non-polymer (3R)-3-[1-(1H-benzimidazol-2-yl)-5-hydroxy-3-methyl-1H-pyrazol-4-yl]-2-benzofuran-1(3H)-one
6 water water
#
loop_
_entity_poly.entity_id
_entity_poly.type
_entity_poly.pdbx_seq_one_letter_code
_entity_poly.pdbx_strand_id
1 'polypeptide(L)'
;KLKKVLDKLRLKRKDISEAAETVNKVVERLLRRMQKRESEFKGVEQLNTGSYYEHVKISAPNEFDVMFKLEVPRIELQEY
YETGAFYLVKFKRIPRGNPLSHFLEGEVLSATKMLSKFRKIIKEEVKEIKDIDVSVEKEKPGSPAVTLLIRNPEEISVDI
ILALESKGSWPISTKEGLPIQGWLGTKVRTNLRREPFYLVPKNAKDGNSFQGETWRLSFSHTEKYILNNHGIEKTCCESS
GAKCCRKECLKLMKYLLEQLKKEFQELDAFCSYHVKTAIFHMWTQDPQDSQWDPRNLSSCFDKLLAFFLECLRTEKLDHY
FIPKFNLFSQELIDRKSKEFLSKKIEYERNNGFPIFD
;
A
2 'polydeoxyribonucleotide' (DA)(DA)(DA)(DT)(DT)(DG)(DC)(DC)(DG)(DA)(DA)(DG)(DA)(DC)(DG) E
3 'polydeoxyribonucleotide' (DC)(DG)(DT)(DC)(DT)(DT)(DC)(DG)(DG)(DC)(DA)(DA)(DT)(DT) F
#
loop_
_chem_comp.id
_chem_comp.type
_chem_comp.name
_chem_comp.formula
A9Y non-polymer (3R)-3-[1-(1H-benzimidazol-2-yl)-5-hydroxy-3-methyl-1H-pyrazol-4-yl]-2-benzofuran-1(3H)-one 'C19 H14 N4 O3'
DA DNA linking 2'-DEOXYADENOSINE-5'-MONOPHOSPHATE 'C10 H14 N5 O6 P'
DC DNA linking 2'-DEOXYCYTIDINE-5'-MONOPHOSPHATE 'C9 H14 N3 O7 P'
DG DNA linking 2'-DEOXYGUANOSINE-5'-MONOPHOSPHATE 'C10 H14 N5 O7 P'
DT DNA linking THYMIDINE-5'-MONOPHOSPHATE 'C10 H15 N2 O8 P'
ZN non-polymer 'ZINC ION' 'Zn 2'
#
# COMPACT_ATOMS: atom_id res chain seq x y z
N LYS A 1 5.31 6.29 28.42
CA LYS A 1 6.55 6.16 27.65
C LYS A 1 6.24 6.01 26.17
N LEU A 2 5.42 5.02 25.86
CA LEU A 2 4.97 4.85 24.50
C LEU A 2 3.99 5.94 24.12
N LYS A 3 3.30 6.51 25.11
CA LYS A 3 2.38 7.59 24.83
C LYS A 3 3.18 8.82 24.43
N LYS A 4 4.30 9.02 25.09
CA LYS A 4 5.10 10.19 24.79
C LYS A 4 5.66 10.07 23.37
N VAL A 5 5.98 8.86 22.93
CA VAL A 5 6.43 8.69 21.55
C VAL A 5 5.29 8.93 20.54
N LEU A 6 4.10 8.42 20.83
CA LEU A 6 2.94 8.72 19.99
C LEU A 6 2.71 10.23 19.82
N ASP A 7 2.87 11.00 20.89
CA ASP A 7 2.74 12.46 20.83
C ASP A 7 3.69 13.09 19.82
N LYS A 8 4.91 12.54 19.77
CA LYS A 8 5.90 13.04 18.84
C LYS A 8 5.52 12.70 17.41
N LEU A 9 5.08 11.45 17.19
CA LEU A 9 4.73 10.97 15.84
C LEU A 9 3.48 11.65 15.27
N ARG A 10 2.58 12.10 16.16
CA ARG A 10 1.30 12.68 15.76
C ARG A 10 1.54 13.85 14.81
N LEU A 11 0.77 13.90 13.74
CA LEU A 11 0.91 15.00 12.79
C LEU A 11 0.28 16.27 13.35
N LYS A 12 0.86 17.41 12.99
CA LYS A 12 0.39 18.71 13.45
C LYS A 12 -0.53 19.34 12.41
N ARG A 13 -1.64 19.95 12.86
CA ARG A 13 -2.66 20.40 11.95
C ARG A 13 -2.18 21.44 10.94
N LYS A 14 -1.38 22.40 11.38
CA LYS A 14 -0.83 23.39 10.44
C LYS A 14 0.00 22.70 9.35
N ASP A 15 0.76 21.67 9.73
CA ASP A 15 1.52 20.91 8.73
C ASP A 15 0.59 20.21 7.73
N ILE A 16 -0.42 19.49 8.24
CA ILE A 16 -1.44 18.86 7.37
C ILE A 16 -2.00 19.87 6.37
N SER A 17 -2.46 21.01 6.87
CA SER A 17 -3.08 22.02 6.00
C SER A 17 -2.15 22.49 4.88
N GLU A 18 -0.90 22.82 5.24
CA GLU A 18 0.07 23.30 4.27
C GLU A 18 0.35 22.24 3.21
N ALA A 19 0.60 21.01 3.64
CA ALA A 19 0.84 19.91 2.71
C ALA A 19 -0.38 19.59 1.82
N ALA A 20 -1.55 19.49 2.45
CA ALA A 20 -2.81 19.16 1.76
C ALA A 20 -3.15 20.13 0.65
N GLU A 21 -3.02 21.41 0.96
CA GLU A 21 -3.36 22.44 -0.01
C GLU A 21 -2.52 22.24 -1.30
N THR A 22 -1.22 22.06 -1.14
CA THR A 22 -0.33 21.89 -2.29
C THR A 22 -0.52 20.55 -3.02
N VAL A 23 -0.61 19.47 -2.27
CA VAL A 23 -0.82 18.14 -2.86
C VAL A 23 -2.10 18.09 -3.69
N ASN A 24 -3.19 18.59 -3.14
CA ASN A 24 -4.49 18.59 -3.83
C ASN A 24 -4.49 19.44 -5.11
N LYS A 25 -3.88 20.61 -5.09
CA LYS A 25 -3.75 21.41 -6.32
C LYS A 25 -3.06 20.60 -7.43
N VAL A 26 -1.92 19.99 -7.13
CA VAL A 26 -1.11 19.27 -8.12
C VAL A 26 -1.81 18.03 -8.67
N VAL A 27 -2.29 17.17 -7.77
CA VAL A 27 -3.04 15.99 -8.18
C VAL A 27 -4.27 16.32 -9.02
N GLU A 28 -5.08 17.30 -8.60
CA GLU A 28 -6.31 17.58 -9.34
C GLU A 28 -6.00 18.06 -10.75
N ARG A 29 -4.86 18.71 -10.92
CA ARG A 29 -4.44 19.15 -12.24
C ARG A 29 -3.97 18.00 -13.15
N LEU A 30 -3.29 17.01 -12.59
CA LEU A 30 -2.92 15.85 -13.38
C LEU A 30 -4.17 15.05 -13.77
N LEU A 31 -5.07 14.87 -12.80
CA LEU A 31 -6.28 14.11 -13.03
C LEU A 31 -7.07 14.69 -14.20
N ARG A 32 -7.27 16.00 -14.18
CA ARG A 32 -7.94 16.67 -15.28
C ARG A 32 -7.16 16.62 -16.59
N ARG A 33 -5.82 16.69 -16.50
CA ARG A 33 -4.99 16.47 -17.67
C ARG A 33 -5.27 15.11 -18.26
N MET A 34 -5.39 14.12 -17.38
CA MET A 34 -5.63 12.76 -17.80
C MET A 34 -7.05 12.66 -18.37
N GLN A 35 -7.95 13.50 -17.86
CA GLN A 35 -9.35 13.47 -18.31
C GLN A 35 -9.51 13.92 -19.74
N LYS A 36 -8.48 14.61 -20.22
CA LYS A 36 -8.48 15.24 -21.53
C LYS A 36 -8.79 14.21 -22.61
N ARG A 37 -9.34 14.70 -23.72
CA ARG A 37 -9.42 13.93 -24.97
C ARG A 37 -8.14 13.18 -25.36
N GLU A 38 -8.08 12.73 -26.61
CA GLU A 38 -7.02 11.88 -27.17
C GLU A 38 -6.25 10.93 -26.23
N SER A 39 -6.21 11.25 -24.94
CA SER A 39 -5.59 10.39 -23.94
C SER A 39 -6.22 9.00 -23.84
N GLU A 40 -5.35 8.00 -23.67
CA GLU A 40 -5.78 6.63 -23.51
C GLU A 40 -6.46 6.44 -22.15
N PHE A 41 -6.14 7.34 -21.22
CA PHE A 41 -6.56 7.20 -19.84
C PHE A 41 -7.79 8.03 -19.50
N LYS A 42 -8.57 8.37 -20.52
CA LYS A 42 -9.62 9.38 -20.40
C LYS A 42 -10.60 9.16 -19.24
N GLY A 43 -10.95 7.92 -18.92
CA GLY A 43 -11.92 7.73 -17.85
C GLY A 43 -11.35 7.47 -16.46
N VAL A 44 -10.15 7.93 -16.16
CA VAL A 44 -9.55 7.57 -14.89
C VAL A 44 -10.20 8.35 -13.77
N GLU A 45 -10.34 7.70 -12.63
CA GLU A 45 -10.93 8.32 -11.45
C GLU A 45 -9.94 8.19 -10.30
N GLN A 46 -10.06 9.13 -9.38
CA GLN A 46 -9.13 9.23 -8.29
C GLN A 46 -9.59 8.39 -7.12
N LEU A 47 -8.63 7.80 -6.44
CA LEU A 47 -8.86 7.04 -5.23
C LEU A 47 -7.67 7.31 -4.31
N ASN A 48 -7.90 7.87 -3.14
CA ASN A 48 -6.79 8.18 -2.26
C ASN A 48 -6.50 6.98 -1.34
N THR A 49 -5.23 6.60 -1.27
CA THR A 49 -4.85 5.39 -0.54
C THR A 49 -3.67 5.63 0.40
N GLY A 50 -3.33 4.65 1.22
CA GLY A 50 -2.07 4.72 1.94
C GLY A 50 -2.12 5.36 3.30
N SER A 51 -0.96 5.37 3.97
CA SER A 51 -0.83 5.74 5.38
C SER A 51 -1.52 7.05 5.75
N TYR A 52 -1.33 8.09 4.95
CA TYR A 52 -1.93 9.37 5.21
C TYR A 52 -3.48 9.30 5.18
N TYR A 53 -4.07 8.64 4.19
CA TYR A 53 -5.53 8.64 4.09
C TYR A 53 -6.16 7.58 4.97
N GLU A 54 -5.35 6.79 5.64
CA GLU A 54 -5.80 5.83 6.60
C GLU A 54 -5.56 6.35 8.00
N HIS A 55 -4.95 7.53 8.09
CA HIS A 55 -4.64 8.16 9.37
C HIS A 55 -3.61 7.36 10.18
N VAL A 56 -2.67 6.71 9.48
CA VAL A 56 -1.58 6.01 10.18
C VAL A 56 -0.19 6.53 9.80
N LYS A 57 -0.15 7.59 8.97
CA LYS A 57 1.09 8.32 8.67
C LYS A 57 1.69 8.93 9.94
N ILE A 58 3.01 8.87 10.06
CA ILE A 58 3.67 9.37 11.28
C ILE A 58 4.68 10.48 10.99
N SER A 59 5.00 11.25 12.04
CA SER A 59 6.08 12.25 12.04
C SER A 59 5.78 13.50 11.22
N ALA A 60 5.51 13.34 9.93
CA ALA A 60 5.28 14.48 9.07
C ALA A 60 4.37 14.09 7.93
N PRO A 61 3.56 15.04 7.44
CA PRO A 61 2.70 14.74 6.28
C PRO A 61 3.48 14.94 4.98
N ASN A 62 4.44 14.05 4.70
CA ASN A 62 5.36 14.25 3.59
C ASN A 62 5.34 13.14 2.54
N GLU A 63 4.33 12.26 2.62
CA GLU A 63 4.14 11.17 1.64
C GLU A 63 2.68 10.95 1.32
N PHE A 64 2.31 11.04 0.04
CA PHE A 64 0.92 10.84 -0.34
C PHE A 64 0.81 9.82 -1.46
N ASP A 65 -0.10 8.87 -1.28
CA ASP A 65 -0.41 7.88 -2.30
C ASP A 65 -1.77 8.18 -2.93
N VAL A 66 -1.82 8.12 -4.26
CA VAL A 66 -3.04 8.36 -5.02
C VAL A 66 -3.09 7.40 -6.18
N MET A 67 -4.20 6.67 -6.26
CA MET A 67 -4.49 5.71 -7.31
C MET A 67 -5.36 6.36 -8.41
N PHE A 68 -4.84 6.41 -9.64
CA PHE A 68 -5.65 6.80 -10.81
C PHE A 68 -6.17 5.52 -11.43
N LYS A 69 -7.38 5.13 -11.05
CA LYS A 69 -7.99 3.86 -11.45
C LYS A 69 -8.76 3.94 -12.77
N LEU A 70 -8.49 2.97 -13.66
CA LEU A 70 -9.18 2.91 -14.95
C LEU A 70 -10.08 1.66 -15.09
N GLU A 71 -11.38 1.88 -15.23
CA GLU A 71 -12.32 0.78 -15.42
C GLU A 71 -12.14 0.19 -16.81
N VAL A 72 -11.44 -0.94 -16.86
CA VAL A 72 -11.23 -1.67 -18.11
C VAL A 72 -12.17 -2.86 -18.16
N PRO A 73 -13.22 -2.75 -18.99
CA PRO A 73 -14.19 -3.84 -19.10
C PRO A 73 -13.61 -5.06 -19.80
N ARG A 74 -14.13 -6.23 -19.46
CA ARG A 74 -13.84 -7.45 -20.19
C ARG A 74 -12.35 -7.77 -20.28
N ILE A 75 -11.81 -8.34 -19.21
CA ILE A 75 -10.43 -8.84 -19.24
C ILE A 75 -10.34 -10.26 -18.68
N GLU A 76 -9.52 -11.07 -19.34
CA GLU A 76 -9.19 -12.41 -18.88
C GLU A 76 -7.82 -12.34 -18.17
N LEU A 77 -7.72 -13.00 -17.02
CA LEU A 77 -6.48 -13.03 -16.26
C LEU A 77 -5.80 -14.39 -16.37
N GLN A 78 -4.48 -14.36 -16.46
CA GLN A 78 -3.67 -15.57 -16.51
C GLN A 78 -2.60 -15.46 -15.44
N GLU A 79 -2.66 -16.34 -14.45
CA GLU A 79 -1.73 -16.29 -13.33
C GLU A 79 -0.29 -16.47 -13.81
N TYR A 80 0.56 -15.49 -13.55
CA TYR A 80 1.97 -15.60 -13.89
C TYR A 80 2.63 -16.61 -12.93
N TYR A 81 2.93 -17.80 -13.48
CA TYR A 81 3.34 -18.99 -12.73
C TYR A 81 2.42 -19.34 -11.55
N GLU A 82 2.97 -19.49 -10.36
CA GLU A 82 2.10 -19.79 -9.21
C GLU A 82 2.34 -18.79 -8.08
N THR A 83 2.54 -17.54 -8.48
CA THR A 83 2.80 -16.45 -7.56
C THR A 83 1.51 -15.96 -6.86
N GLY A 84 0.38 -16.05 -7.54
CA GLY A 84 -0.89 -15.65 -6.92
C GLY A 84 -1.14 -14.15 -6.94
N ALA A 85 -0.06 -13.37 -6.90
CA ALA A 85 -0.17 -11.90 -6.92
C ALA A 85 0.01 -11.31 -8.33
N PHE A 86 0.85 -11.93 -9.15
CA PHE A 86 1.13 -11.35 -10.48
C PHE A 86 0.36 -11.98 -11.63
N TYR A 87 0.01 -11.16 -12.63
CA TYR A 87 -0.85 -11.62 -13.73
C TYR A 87 -0.51 -11.03 -15.09
N LEU A 88 -0.76 -11.81 -16.15
CA LEU A 88 -0.80 -11.29 -17.51
C LEU A 88 -2.26 -10.95 -17.87
N VAL A 89 -2.47 -9.88 -18.64
CA VAL A 89 -3.81 -9.39 -18.96
C VAL A 89 -4.16 -9.47 -20.48
N LYS A 90 -5.19 -10.25 -20.83
CA LYS A 90 -5.75 -10.22 -22.19
C LYS A 90 -7.19 -9.69 -22.14
N PHE A 91 -7.73 -9.33 -23.30
CA PHE A 91 -9.14 -8.94 -23.39
C PHE A 91 -9.96 -10.11 -23.95
N LYS A 92 -11.25 -10.14 -23.67
CA LYS A 92 -12.06 -11.26 -24.13
C LYS A 92 -12.30 -11.15 -25.65
N ARG A 93 -13.21 -10.30 -26.13
CA ARG A 93 -13.19 -9.99 -27.56
C ARG A 93 -12.59 -8.59 -27.71
N ILE A 94 -11.81 -8.42 -28.77
CA ILE A 94 -11.18 -7.14 -29.09
C ILE A 94 -12.26 -6.05 -29.26
N PRO A 95 -12.20 -5.02 -28.40
CA PRO A 95 -13.22 -3.96 -28.21
C PRO A 95 -13.57 -3.14 -29.44
N ARG A 96 -13.52 -3.75 -30.63
CA ARG A 96 -13.47 -3.03 -31.89
C ARG A 96 -12.33 -2.01 -31.79
N GLY A 97 -12.65 -0.74 -32.01
CA GLY A 97 -11.68 0.32 -31.79
C GLY A 97 -11.42 0.47 -30.29
N ASN A 98 -10.14 0.45 -29.91
CA ASN A 98 -9.77 0.42 -28.51
C ASN A 98 -8.82 1.54 -28.12
N PRO A 99 -9.14 2.29 -27.06
CA PRO A 99 -8.20 3.30 -26.58
C PRO A 99 -6.84 2.71 -26.20
N LEU A 100 -6.85 1.47 -25.73
CA LEU A 100 -5.62 0.79 -25.31
C LEU A 100 -5.04 -0.16 -26.37
N SER A 101 -5.41 0.05 -27.64
CA SER A 101 -4.84 -0.71 -28.74
C SER A 101 -3.31 -0.62 -28.76
N HIS A 102 -2.82 0.56 -28.37
CA HIS A 102 -1.41 0.92 -28.55
C HIS A 102 -0.51 0.30 -27.50
N PHE A 103 -1.12 -0.23 -26.45
CA PHE A 103 -0.37 -0.81 -25.34
C PHE A 103 -0.36 -2.33 -25.43
N LEU A 104 -0.89 -2.85 -26.53
CA LEU A 104 -0.98 -4.29 -26.69
C LEU A 104 0.35 -4.92 -27.10
N GLU A 105 0.41 -6.21 -26.83
CA GLU A 105 1.43 -7.12 -27.34
C GLU A 105 0.72 -8.41 -27.80
N GLY A 106 0.42 -8.42 -29.08
CA GLY A 106 -0.49 -9.41 -29.62
C GLY A 106 -1.82 -9.38 -28.93
N GLU A 107 -1.94 -10.24 -27.91
CA GLU A 107 -3.15 -10.33 -27.10
C GLU A 107 -2.92 -9.88 -25.68
N VAL A 108 -1.66 -9.56 -25.32
CA VAL A 108 -1.35 -9.20 -23.93
C VAL A 108 -1.20 -7.69 -23.72
N LEU A 109 -1.84 -7.16 -22.68
CA LEU A 109 -1.77 -5.74 -22.32
C LEU A 109 -0.51 -5.41 -21.51
N SER A 110 0.52 -4.88 -22.17
CA SER A 110 1.79 -4.60 -21.52
C SER A 110 1.71 -3.52 -20.45
N ALA A 111 1.98 -3.90 -19.20
CA ALA A 111 2.05 -2.96 -18.11
C ALA A 111 3.16 -1.93 -18.36
N THR A 112 4.25 -2.33 -18.98
CA THR A 112 5.36 -1.38 -19.17
C THR A 112 4.99 -0.27 -20.14
N LYS A 113 4.37 -0.66 -21.26
CA LYS A 113 3.93 0.30 -22.26
C LYS A 113 2.93 1.28 -21.64
N MET A 114 1.93 0.74 -20.96
CA MET A 114 0.85 1.56 -20.45
C MET A 114 1.33 2.52 -19.36
N LEU A 115 2.27 2.06 -18.55
CA LEU A 115 2.86 2.89 -17.50
C LEU A 115 3.71 3.99 -18.12
N SER A 116 4.48 3.61 -19.14
CA SER A 116 5.42 4.56 -19.76
C SER A 116 4.69 5.73 -20.38
N LYS A 117 3.53 5.46 -20.97
CA LYS A 117 2.74 6.52 -21.58
C LYS A 117 2.11 7.39 -20.47
N PHE A 118 1.57 6.73 -19.45
CA PHE A 118 1.07 7.38 -18.25
C PHE A 118 2.16 8.30 -17.65
N ARG A 119 3.35 7.76 -17.39
CA ARG A 119 4.49 8.55 -16.91
C ARG A 119 4.84 9.73 -17.83
N LYS A 120 4.88 9.47 -19.14
CA LYS A 120 5.16 10.53 -20.10
C LYS A 120 4.11 11.65 -20.04
N ILE A 121 2.83 11.30 -19.94
CA ILE A 121 1.78 12.31 -19.86
C ILE A 121 1.92 13.14 -18.58
N ILE A 122 2.22 12.46 -17.48
CA ILE A 122 2.43 13.15 -16.20
C ILE A 122 3.64 14.09 -16.27
N LYS A 123 4.75 13.60 -16.81
CA LYS A 123 5.98 14.41 -16.91
C LYS A 123 5.75 15.69 -17.70
N GLU A 124 5.02 15.57 -18.80
CA GLU A 124 4.75 16.71 -19.65
C GLU A 124 3.86 17.73 -18.93
N GLU A 125 2.90 17.26 -18.15
CA GLU A 125 2.01 18.18 -17.45
C GLU A 125 2.72 18.89 -16.29
N VAL A 126 3.60 18.16 -15.59
CA VAL A 126 4.35 18.70 -14.46
C VAL A 126 5.30 19.84 -14.88
N LYS A 127 5.87 19.74 -16.07
CA LYS A 127 6.73 20.81 -16.60
C LYS A 127 5.95 22.11 -16.82
N GLU A 128 4.64 22.00 -16.94
CA GLU A 128 3.83 23.17 -17.17
C GLU A 128 3.41 23.81 -15.85
N ILE A 129 3.70 23.13 -14.74
CA ILE A 129 3.34 23.70 -13.44
C ILE A 129 4.36 24.75 -12.96
N LYS A 130 3.91 26.00 -12.84
CA LYS A 130 4.80 27.14 -12.61
C LYS A 130 4.72 27.76 -11.22
N ASP A 131 3.56 27.66 -10.56
CA ASP A 131 3.35 28.31 -9.26
C ASP A 131 3.92 27.49 -8.09
N ILE A 132 4.24 26.23 -8.37
CA ILE A 132 4.63 25.25 -7.35
C ILE A 132 5.94 24.55 -7.73
N ASP A 133 6.77 24.22 -6.75
CA ASP A 133 8.02 23.49 -7.02
C ASP A 133 7.80 21.98 -7.05
N VAL A 134 7.68 21.41 -8.24
CA VAL A 134 7.47 19.96 -8.35
C VAL A 134 8.29 19.31 -9.49
N SER A 135 8.81 18.12 -9.25
CA SER A 135 9.45 17.35 -10.29
C SER A 135 9.09 15.86 -10.19
N VAL A 136 9.22 15.16 -11.32
CA VAL A 136 9.04 13.72 -11.36
C VAL A 136 10.34 12.98 -11.02
N GLU A 137 10.30 12.17 -9.97
CA GLU A 137 11.41 11.35 -9.54
C GLU A 137 11.80 10.38 -10.67
N LYS A 138 13.11 10.11 -10.77
CA LYS A 138 13.64 9.13 -11.71
C LYS A 138 12.90 7.80 -11.61
N GLU A 139 12.59 7.20 -12.76
CA GLU A 139 11.84 5.95 -12.80
C GLU A 139 12.60 4.86 -12.09
N LYS A 140 11.89 4.04 -11.33
CA LYS A 140 12.52 2.95 -10.60
C LYS A 140 11.83 1.64 -10.93
N PRO A 141 12.60 0.66 -11.45
CA PRO A 141 12.07 -0.68 -11.74
C PRO A 141 11.56 -1.36 -10.46
N GLY A 142 10.41 -2.01 -10.54
CA GLY A 142 9.78 -2.55 -9.35
C GLY A 142 8.83 -1.56 -8.70
N SER A 143 8.54 -0.47 -9.41
CA SER A 143 7.59 0.51 -8.92
C SER A 143 6.50 0.74 -9.95
N PRO A 144 5.22 0.61 -9.54
CA PRO A 144 4.11 0.96 -10.40
C PRO A 144 3.84 2.47 -10.35
N ALA A 145 4.54 3.15 -9.46
CA ALA A 145 4.27 4.55 -9.16
C ALA A 145 5.03 5.48 -10.07
N VAL A 146 4.34 6.50 -10.55
CA VAL A 146 5.04 7.69 -11.02
C VAL A 146 5.11 8.61 -9.83
N THR A 147 6.31 8.97 -9.40
CA THR A 147 6.46 9.67 -8.14
C THR A 147 6.76 11.15 -8.33
N LEU A 148 5.97 12.02 -7.71
CA LEU A 148 6.28 13.45 -7.71
C LEU A 148 7.06 13.84 -6.46
N LEU A 149 8.01 14.75 -6.64
CA LEU A 149 8.75 15.38 -5.56
C LEU A 149 8.36 16.84 -5.46
N ILE A 150 7.69 17.21 -4.36
CA ILE A 150 7.31 18.61 -4.13
C ILE A 150 8.17 19.25 -3.04
N ARG A 151 8.62 20.47 -3.28
CA ARG A 151 9.23 21.28 -2.23
C ARG A 151 8.25 22.40 -1.88
N ASN A 152 7.72 22.33 -0.67
CA ASN A 152 6.59 23.15 -0.26
C ASN A 152 6.85 24.34 0.69
N PRO A 153 8.11 24.63 1.08
CA PRO A 153 9.48 24.16 0.83
C PRO A 153 9.82 22.84 1.50
N GLU A 154 8.96 22.32 2.38
CA GLU A 154 9.12 20.98 2.93
C GLU A 154 9.09 19.96 1.81
N GLU A 155 9.91 18.93 1.93
CA GLU A 155 9.92 17.87 0.93
C GLU A 155 8.71 16.93 1.07
N ILE A 156 7.91 16.87 0.01
CA ILE A 156 6.72 16.02 -0.05
C ILE A 156 6.75 15.14 -1.30
N SER A 157 6.58 13.83 -1.12
CA SER A 157 6.42 12.95 -2.27
C SER A 157 4.97 12.50 -2.47
N VAL A 158 4.58 12.41 -3.74
CA VAL A 158 3.28 11.92 -4.13
C VAL A 158 3.45 10.74 -5.09
N ASP A 159 3.05 9.55 -4.67
CA ASP A 159 3.06 8.40 -5.55
C ASP A 159 1.75 8.31 -6.33
N ILE A 160 1.78 8.61 -7.63
CA ILE A 160 0.60 8.41 -8.46
C ILE A 160 0.61 7.04 -9.13
N ILE A 161 -0.39 6.24 -8.82
CA ILE A 161 -0.42 4.83 -9.18
C ILE A 161 -1.55 4.50 -10.12
N LEU A 162 -1.19 4.18 -11.35
CA LEU A 162 -2.14 3.71 -12.35
C LEU A 162 -2.72 2.37 -11.93
N ALA A 163 -4.04 2.23 -11.93
CA ALA A 163 -4.64 0.95 -11.61
C ALA A 163 -5.73 0.57 -12.60
N LEU A 164 -5.78 -0.70 -12.97
CA LEU A 164 -6.90 -1.20 -13.75
C LEU A 164 -8.00 -1.64 -12.78
N GLU A 165 -9.23 -1.22 -13.04
CA GLU A 165 -10.39 -1.67 -12.27
C GLU A 165 -11.14 -2.81 -12.97
N SER A 166 -11.30 -3.93 -12.27
CA SER A 166 -12.10 -5.01 -12.83
C SER A 166 -13.28 -5.33 -11.91
N LYS A 167 -14.48 -5.40 -12.47
CA LYS A 167 -15.67 -5.61 -11.64
C LYS A 167 -16.02 -7.07 -11.41
N GLY A 168 -15.36 -7.98 -12.12
CA GLY A 168 -15.59 -9.40 -11.94
C GLY A 168 -15.19 -9.93 -10.57
N SER A 169 -15.42 -11.21 -10.34
CA SER A 169 -15.04 -11.84 -9.07
C SER A 169 -13.53 -11.82 -8.89
N TRP A 170 -13.07 -11.83 -7.64
CA TRP A 170 -11.65 -11.85 -7.33
C TRP A 170 -11.01 -13.17 -7.75
N PRO A 171 -9.76 -13.11 -8.25
CA PRO A 171 -9.01 -14.29 -8.72
C PRO A 171 -8.91 -15.31 -7.59
N ILE A 172 -8.89 -16.60 -7.90
CA ILE A 172 -9.08 -17.59 -6.86
C ILE A 172 -7.96 -17.63 -5.84
N SER A 173 -6.79 -17.06 -6.16
CA SER A 173 -5.71 -17.07 -5.20
C SER A 173 -6.08 -16.21 -3.98
N THR A 174 -7.13 -15.41 -4.09
CA THR A 174 -7.62 -14.64 -2.92
C THR A 174 -8.70 -15.40 -2.14
N LYS A 175 -9.13 -16.56 -2.62
CA LYS A 175 -10.35 -17.18 -2.10
C LYS A 175 -10.27 -17.58 -0.62
N GLU A 176 -9.09 -17.85 -0.11
CA GLU A 176 -8.96 -18.09 1.32
C GLU A 176 -8.20 -16.95 2.03
N GLY A 177 -8.05 -15.82 1.34
CA GLY A 177 -7.52 -14.63 1.97
C GLY A 177 -8.59 -13.85 2.74
N LEU A 178 -8.24 -12.66 3.21
CA LEU A 178 -9.13 -11.80 3.99
C LEU A 178 -9.85 -12.61 5.08
N PRO A 179 -9.08 -13.21 6.02
CA PRO A 179 -9.76 -14.08 7.01
C PRO A 179 -10.37 -13.31 8.21
N ILE A 180 -11.36 -12.46 7.92
CA ILE A 180 -11.92 -11.54 8.89
C ILE A 180 -13.27 -12.00 9.51
N GLN A 181 -13.65 -13.26 9.30
CA GLN A 181 -14.97 -13.75 9.69
C GLN A 181 -15.24 -13.68 11.21
N GLY A 182 -14.23 -13.89 12.03
CA GLY A 182 -14.42 -13.84 13.47
C GLY A 182 -14.16 -12.48 14.05
N TRP A 183 -13.88 -11.52 13.17
CA TRP A 183 -13.47 -10.20 13.57
C TRP A 183 -14.45 -9.12 13.04
N LEU A 184 -14.42 -8.89 11.73
CA LEU A 184 -15.34 -7.94 11.11
C LEU A 184 -16.55 -8.68 10.60
N GLY A 185 -16.38 -9.97 10.33
CA GLY A 185 -17.53 -10.80 10.08
C GLY A 185 -17.77 -11.09 8.62
N THR A 186 -18.76 -11.96 8.40
CA THR A 186 -18.99 -12.57 7.10
C THR A 186 -19.72 -11.63 6.12
N LYS A 187 -20.66 -10.85 6.63
CA LYS A 187 -21.29 -9.82 5.83
C LYS A 187 -20.27 -8.78 5.35
N VAL A 188 -19.38 -8.31 6.21
CA VAL A 188 -18.34 -7.39 5.76
C VAL A 188 -17.45 -8.09 4.70
N ARG A 189 -17.03 -9.32 4.95
CA ARG A 189 -16.11 -10.01 4.03
C ARG A 189 -16.72 -10.17 2.62
N THR A 190 -17.94 -10.68 2.59
CA THR A 190 -18.70 -10.86 1.37
C THR A 190 -18.92 -9.56 0.62
N ASN A 191 -19.30 -8.51 1.35
CA ASN A 191 -19.48 -7.18 0.77
C ASN A 191 -18.19 -6.60 0.21
N LEU A 192 -17.10 -6.73 0.95
CA LEU A 192 -15.80 -6.28 0.46
C LEU A 192 -15.41 -6.97 -0.84
N ARG A 193 -15.66 -8.28 -0.94
CA ARG A 193 -15.29 -9.07 -2.13
C ARG A 193 -16.23 -8.89 -3.33
N ARG A 194 -17.33 -8.14 -3.12
CA ARG A 194 -18.21 -7.75 -4.22
C ARG A 194 -17.75 -6.43 -4.86
N GLU A 195 -16.85 -5.74 -4.18
CA GLU A 195 -16.18 -4.57 -4.72
C GLU A 195 -15.21 -4.96 -5.84
N PRO A 196 -14.86 -4.01 -6.73
CA PRO A 196 -13.89 -4.34 -7.78
C PRO A 196 -12.53 -4.71 -7.21
N PHE A 197 -11.70 -5.40 -8.00
CA PHE A 197 -10.29 -5.53 -7.63
C PHE A 197 -9.42 -4.74 -8.61
N TYR A 198 -8.20 -4.44 -8.18
CA TYR A 198 -7.30 -3.60 -8.96
C TYR A 198 -6.00 -4.31 -9.31
N LEU A 199 -5.49 -4.01 -10.51
CA LEU A 199 -4.16 -4.43 -10.92
C LEU A 199 -3.28 -3.21 -11.12
N VAL A 200 -2.08 -3.19 -10.53
CA VAL A 200 -1.17 -2.08 -10.77
C VAL A 200 0.07 -2.57 -11.51
N PRO A 201 0.69 -1.69 -12.30
CA PRO A 201 1.76 -2.16 -13.19
C PRO A 201 3.08 -2.33 -12.46
N LYS A 202 3.07 -3.06 -11.36
CA LYS A 202 4.33 -3.50 -10.78
C LYS A 202 4.66 -4.83 -11.41
N ASN A 203 5.82 -4.92 -12.05
CA ASN A 203 6.21 -6.14 -12.75
C ASN A 203 6.75 -7.21 -11.81
N ALA A 204 6.36 -8.47 -12.05
CA ALA A 204 7.05 -9.60 -11.42
C ALA A 204 8.53 -9.62 -11.81
N LYS A 205 9.42 -9.83 -10.83
CA LYS A 205 10.85 -9.99 -11.12
C LYS A 205 11.13 -11.47 -11.37
N ASP A 206 11.33 -11.80 -12.64
CA ASP A 206 11.67 -13.14 -13.08
C ASP A 206 12.88 -13.66 -12.32
N GLY A 207 14.05 -13.15 -12.67
CA GLY A 207 15.24 -13.43 -11.89
C GLY A 207 15.99 -12.15 -11.66
N ASN A 208 16.89 -11.84 -12.59
CA ASN A 208 17.66 -10.61 -12.54
C ASN A 208 16.96 -9.49 -13.31
N SER A 209 15.80 -9.81 -13.89
CA SER A 209 15.06 -8.86 -14.72
C SER A 209 13.60 -8.79 -14.29
N PHE A 210 12.84 -7.89 -14.90
CA PHE A 210 11.40 -7.87 -14.65
C PHE A 210 10.66 -8.46 -15.86
N GLN A 211 9.47 -9.00 -15.63
CA GLN A 211 8.58 -9.39 -16.72
C GLN A 211 7.68 -8.21 -17.06
N GLY A 212 8.01 -7.55 -18.16
CA GLY A 212 7.50 -6.23 -18.47
C GLY A 212 6.01 -6.11 -18.69
N GLU A 213 5.35 -7.24 -18.90
CA GLU A 213 3.93 -7.22 -19.23
C GLU A 213 3.03 -7.52 -18.03
N THR A 214 3.63 -8.01 -16.94
CA THR A 214 2.84 -8.44 -15.78
C THR A 214 2.32 -7.29 -14.92
N TRP A 215 1.23 -7.56 -14.21
CA TRP A 215 0.59 -6.62 -13.31
C TRP A 215 0.53 -7.23 -11.93
N ARG A 216 0.25 -6.42 -10.91
CA ARG A 216 0.12 -6.95 -9.57
C ARG A 216 -1.26 -6.63 -8.93
N LEU A 217 -1.77 -7.57 -8.16
CA LEU A 217 -3.00 -7.34 -7.42
C LEU A 217 -2.79 -6.21 -6.41
N SER A 218 -3.75 -5.30 -6.32
CA SER A 218 -3.76 -4.28 -5.27
C SER A 218 -5.06 -4.31 -4.48
N PHE A 219 -4.97 -4.33 -3.17
CA PHE A 219 -6.15 -4.22 -2.31
C PHE A 219 -6.10 -2.97 -1.43
N SER A 220 -5.45 -1.94 -1.95
CA SER A 220 -5.32 -0.69 -1.23
C SER A 220 -6.71 -0.10 -0.84
N HIS A 221 -7.73 -0.31 -1.68
CA HIS A 221 -9.08 0.17 -1.36
C HIS A 221 -9.63 -0.64 -0.19
N THR A 222 -9.46 -1.94 -0.22
CA THR A 222 -9.99 -2.80 0.83
C THR A 222 -9.35 -2.47 2.18
N GLU A 223 -8.01 -2.33 2.16
CA GLU A 223 -7.23 -2.03 3.35
C GLU A 223 -7.63 -0.72 4.00
N LYS A 224 -7.94 0.28 3.17
CA LYS A 224 -8.36 1.57 3.65
C LYS A 224 -9.73 1.42 4.37
N TYR A 225 -10.64 0.63 3.80
CA TYR A 225 -11.91 0.39 4.47
C TYR A 225 -11.67 -0.20 5.87
N ILE A 226 -10.83 -1.23 5.95
CA ILE A 226 -10.57 -1.93 7.18
C ILE A 226 -9.96 -1.02 8.23
N LEU A 227 -9.07 -0.13 7.80
CA LEU A 227 -8.43 0.76 8.76
C LEU A 227 -9.49 1.69 9.37
N ASN A 228 -10.49 2.07 8.58
CA ASN A 228 -11.54 2.97 9.08
C ASN A 228 -12.68 2.20 9.79
N ASN A 229 -12.74 0.90 9.57
CA ASN A 229 -13.76 0.03 10.16
C ASN A 229 -13.14 -1.19 10.82
N HIS A 230 -12.43 -1.00 11.92
CA HIS A 230 -11.44 -2.00 12.33
C HIS A 230 -11.81 -2.74 13.61
N GLY A 231 -12.96 -2.42 14.19
CA GLY A 231 -13.33 -3.07 15.43
C GLY A 231 -14.34 -4.18 15.22
N ILE A 232 -14.45 -5.04 16.22
CA ILE A 232 -15.52 -6.02 16.19
C ILE A 232 -16.84 -5.29 16.57
N GLU A 233 -16.78 -4.31 17.45
CA GLU A 233 -17.97 -3.50 17.74
C GLU A 233 -18.01 -2.36 16.75
N LYS A 234 -19.18 -2.13 16.21
CA LYS A 234 -19.40 -1.09 15.22
C LYS A 234 -19.00 0.31 15.66
N THR A 235 -19.01 0.54 16.97
CA THR A 235 -18.70 1.85 17.53
C THR A 235 -17.22 2.03 17.96
N CYS A 236 -16.37 1.06 17.70
CA CYS A 236 -14.94 1.21 17.98
C CYS A 236 -14.40 2.52 17.38
N CYS A 237 -13.79 3.36 18.21
CA CYS A 237 -13.25 4.65 17.85
C CYS A 237 -14.25 5.68 17.29
N GLU A 238 -15.53 5.45 17.49
CA GLU A 238 -16.56 6.43 17.15
C GLU A 238 -16.91 7.34 18.34
N SER A 239 -17.67 8.41 18.09
CA SER A 239 -17.92 9.38 19.14
C SER A 239 -18.78 8.83 20.29
N SER A 240 -19.60 7.81 20.02
CA SER A 240 -20.34 7.17 21.13
C SER A 240 -19.86 5.74 21.35
N GLY A 241 -18.57 5.49 21.09
CA GLY A 241 -17.96 4.21 21.37
C GLY A 241 -16.63 4.35 22.11
N ALA A 242 -15.89 3.25 22.25
CA ALA A 242 -14.60 3.24 22.94
C ALA A 242 -13.44 3.39 21.97
N LYS A 243 -12.43 4.16 22.36
CA LYS A 243 -11.18 4.25 21.62
C LYS A 243 -10.37 2.98 21.82
N CYS A 244 -9.78 2.44 20.77
CA CYS A 244 -8.86 1.32 20.93
C CYS A 244 -7.47 1.81 20.57
N CYS A 245 -6.48 0.93 20.67
CA CYS A 245 -5.10 1.30 20.33
C CYS A 245 -4.56 0.57 19.10
N ARG A 246 -5.44 0.06 18.25
CA ARG A 246 -4.97 -0.69 17.09
C ARG A 246 -4.06 0.17 16.21
N LYS A 247 -4.54 1.35 15.84
CA LYS A 247 -3.78 2.25 14.96
C LYS A 247 -2.49 2.78 15.62
N GLU A 248 -2.53 2.99 16.92
CA GLU A 248 -1.37 3.42 17.68
C GLU A 248 -0.25 2.35 17.65
N CYS A 249 -0.64 1.07 17.63
CA CYS A 249 0.33 -0.02 17.52
C CYS A 249 0.95 -0.05 16.13
N LEU A 250 0.13 0.19 15.11
CA LEU A 250 0.66 0.25 13.76
C LEU A 250 1.68 1.39 13.65
N LYS A 251 1.36 2.54 14.21
CA LYS A 251 2.27 3.68 14.12
C LYS A 251 3.59 3.40 14.84
N LEU A 252 3.53 2.73 15.99
CA LEU A 252 4.75 2.45 16.74
C LEU A 252 5.64 1.45 16.00
N MET A 253 5.03 0.46 15.35
CA MET A 253 5.78 -0.52 14.55
C MET A 253 6.32 0.11 13.26
N LYS A 254 5.49 0.94 12.61
CA LYS A 254 5.95 1.70 11.45
C LYS A 254 7.18 2.51 11.81
N TYR A 255 7.16 3.16 12.97
CA TYR A 255 8.27 4.03 13.38
C TYR A 255 9.54 3.21 13.63
N LEU A 256 9.38 2.10 14.35
CA LEU A 256 10.50 1.27 14.72
C LEU A 256 11.22 0.80 13.45
N LEU A 257 10.44 0.39 12.45
CA LEU A 257 11.04 -0.03 11.19
C LEU A 257 11.70 1.14 10.50
N GLU A 258 11.01 2.29 10.42
CA GLU A 258 11.53 3.37 9.61
C GLU A 258 12.83 3.95 10.18
N GLN A 259 12.96 3.88 11.50
CA GLN A 259 14.16 4.33 12.22
C GLN A 259 15.32 3.39 11.94
N LEU A 260 15.03 2.10 11.97
CA LEU A 260 16.03 1.08 11.69
C LEU A 260 16.47 1.16 10.23
N LYS A 261 15.52 1.46 9.34
CA LYS A 261 15.83 1.53 7.90
C LYS A 261 16.72 2.73 7.59
N LYS A 262 16.48 3.84 8.30
CA LYS A 262 17.22 5.07 8.08
C LYS A 262 18.72 4.89 8.29
N GLU A 263 19.11 4.05 9.23
CA GLU A 263 20.54 3.91 9.49
C GLU A 263 21.16 2.57 9.06
N PHE A 264 20.34 1.61 8.65
CA PHE A 264 20.90 0.35 8.18
C PHE A 264 20.43 0.00 6.79
N GLN A 265 21.34 0.00 5.82
CA GLN A 265 20.92 -0.32 4.46
C GLN A 265 20.82 -1.83 4.25
N GLU A 266 21.14 -2.62 5.26
CA GLU A 266 20.88 -4.06 5.19
C GLU A 266 19.37 -4.30 5.25
N LEU A 267 18.59 -3.23 5.46
CA LEU A 267 17.15 -3.36 5.66
C LEU A 267 16.31 -2.81 4.52
N ASP A 268 16.99 -2.53 3.40
CA ASP A 268 16.34 -1.87 2.27
C ASP A 268 15.20 -2.69 1.68
N ALA A 269 15.29 -4.01 1.79
CA ALA A 269 14.28 -4.91 1.26
C ALA A 269 12.96 -4.80 2.04
N PHE A 270 13.02 -4.42 3.32
CA PHE A 270 11.81 -4.26 4.14
C PHE A 270 11.17 -2.91 3.92
N CYS A 271 9.91 -2.78 4.35
CA CYS A 271 9.11 -1.60 4.06
C CYS A 271 7.82 -1.63 4.92
N SER A 272 7.09 -0.52 4.97
CA SER A 272 5.88 -0.45 5.77
C SER A 272 4.90 -1.59 5.51
N TYR A 273 4.77 -2.06 4.27
CA TYR A 273 3.72 -3.05 3.97
C TYR A 273 3.91 -4.37 4.71
N HIS A 274 5.16 -4.71 5.02
CA HIS A 274 5.45 -5.90 5.81
C HIS A 274 4.83 -5.72 7.19
N VAL A 275 5.01 -4.54 7.76
CA VAL A 275 4.47 -4.23 9.08
C VAL A 275 2.93 -4.21 9.09
N LYS A 276 2.34 -3.53 8.10
CA LYS A 276 0.87 -3.46 7.98
C LYS A 276 0.27 -4.87 7.87
N THR A 277 0.85 -5.71 7.00
CA THR A 277 0.42 -7.11 6.84
C THR A 277 0.46 -7.87 8.14
N ALA A 278 1.56 -7.71 8.87
CA ALA A 278 1.71 -8.35 10.17
C ALA A 278 0.61 -7.92 11.14
N ILE A 279 0.25 -6.63 11.17
CA ILE A 279 -0.73 -6.23 12.17
C ILE A 279 -2.13 -6.70 11.73
N PHE A 280 -2.37 -6.81 10.42
CA PHE A 280 -3.61 -7.41 9.96
C PHE A 280 -3.81 -8.81 10.56
N HIS A 281 -2.76 -9.62 10.56
CA HIS A 281 -2.85 -10.94 11.17
C HIS A 281 -3.09 -10.89 12.67
N MET A 282 -2.49 -9.90 13.33
CA MET A 282 -2.70 -9.65 14.75
C MET A 282 -4.15 -9.34 15.06
N TRP A 283 -4.72 -8.46 14.24
CA TRP A 283 -6.13 -8.08 14.39
C TRP A 283 -7.06 -9.26 14.18
N THR A 284 -6.64 -10.18 13.30
CA THR A 284 -7.40 -11.41 13.06
C THR A 284 -7.24 -12.38 14.23
N GLN A 285 -6.00 -12.45 14.72
CA GLN A 285 -5.63 -13.30 15.83
C GLN A 285 -6.27 -12.85 17.14
N ASP A 286 -6.33 -11.54 17.36
CA ASP A 286 -6.96 -10.97 18.55
C ASP A 286 -8.03 -9.97 18.12
N PRO A 287 -9.23 -10.48 17.79
CA PRO A 287 -10.35 -9.69 17.25
C PRO A 287 -11.11 -8.84 18.26
N GLN A 288 -11.05 -9.18 19.54
CA GLN A 288 -11.82 -8.46 20.56
C GLN A 288 -11.30 -7.04 20.78
N ASP A 289 -12.20 -6.07 20.78
CA ASP A 289 -11.80 -4.69 21.05
C ASP A 289 -11.15 -4.58 22.42
N SER A 290 -11.60 -5.41 23.34
CA SER A 290 -11.12 -5.37 24.72
C SER A 290 -9.62 -5.65 24.81
N GLN A 291 -9.11 -6.46 23.88
CA GLN A 291 -7.69 -6.80 23.84
C GLN A 291 -6.85 -5.62 23.35
N TRP A 292 -7.48 -4.65 22.69
CA TRP A 292 -6.77 -3.47 22.21
C TRP A 292 -7.26 -2.19 22.94
N ASP A 293 -7.57 -2.35 24.22
CA ASP A 293 -7.81 -1.21 25.10
C ASP A 293 -6.53 -0.35 25.18
N PRO A 294 -6.67 0.99 25.12
CA PRO A 294 -5.50 1.90 25.19
C PRO A 294 -4.62 1.65 26.40
N ARG A 295 -5.19 1.26 27.53
CA ARG A 295 -4.40 0.95 28.72
C ARG A 295 -3.48 -0.27 28.54
N ASN A 296 -3.84 -1.14 27.59
CA ASN A 296 -3.02 -2.30 27.26
C ASN A 296 -2.02 -2.02 26.14
N LEU A 297 -1.79 -0.75 25.84
CA LEU A 297 -0.94 -0.36 24.71
C LEU A 297 0.40 -1.09 24.67
N SER A 298 1.13 -1.02 25.78
CA SER A 298 2.45 -1.61 25.84
C SER A 298 2.46 -3.10 25.50
N SER A 299 1.46 -3.83 25.98
CA SER A 299 1.44 -5.27 25.78
C SER A 299 0.93 -5.66 24.40
N CYS A 300 0.12 -4.79 23.77
CA CYS A 300 -0.28 -5.01 22.39
C CYS A 300 0.87 -4.75 21.44
N PHE A 301 1.70 -3.77 21.78
CA PHE A 301 2.88 -3.50 20.96
C PHE A 301 3.85 -4.67 21.07
N ASP A 302 4.12 -5.11 22.28
CA ASP A 302 5.05 -6.21 22.52
C ASP A 302 4.60 -7.51 21.85
N LYS A 303 3.29 -7.78 21.87
CA LYS A 303 2.73 -8.96 21.22
C LYS A 303 2.89 -8.89 19.70
N LEU A 304 2.75 -7.69 19.14
CA LEU A 304 3.00 -7.43 17.72
C LEU A 304 4.49 -7.60 17.37
N LEU A 305 5.35 -7.10 18.24
CA LEU A 305 6.77 -7.32 18.09
C LEU A 305 7.06 -8.81 18.08
N ALA A 306 6.46 -9.53 19.02
CA ALA A 306 6.71 -10.97 19.15
C ALA A 306 6.29 -11.72 17.89
N PHE A 307 5.13 -11.38 17.36
CA PHE A 307 4.60 -12.04 16.18
C PHE A 307 5.50 -11.77 15.00
N PHE A 308 5.94 -10.53 14.87
CA PHE A 308 6.78 -10.13 13.76
C PHE A 308 8.15 -10.83 13.78
N LEU A 309 8.78 -10.88 14.95
CA LEU A 309 9.99 -11.66 15.13
C LEU A 309 9.79 -13.13 14.76
N GLU A 310 8.60 -13.66 15.02
CA GLU A 310 8.36 -15.06 14.71
C GLU A 310 8.21 -15.25 13.21
N CYS A 311 7.64 -14.26 12.55
CA CYS A 311 7.55 -14.26 11.09
C CYS A 311 8.94 -14.19 10.44
N LEU A 312 9.83 -13.40 11.03
CA LEU A 312 11.20 -13.28 10.55
C LEU A 312 11.93 -14.62 10.72
N ARG A 313 11.96 -15.09 11.96
CA ARG A 313 12.58 -16.35 12.32
C ARG A 313 12.15 -17.50 11.43
N THR A 314 10.86 -17.64 11.16
CA THR A 314 10.40 -18.77 10.36
C THR A 314 10.31 -18.42 8.88
N GLU A 315 10.76 -17.22 8.51
CA GLU A 315 10.86 -16.82 7.12
C GLU A 315 9.50 -16.90 6.43
N LYS A 316 8.43 -16.52 7.16
CA LYS A 316 7.07 -16.61 6.62
C LYS A 316 6.14 -15.49 7.13
N LEU A 317 5.68 -14.68 6.18
CA LEU A 317 4.67 -13.66 6.39
C LEU A 317 3.66 -13.75 5.25
N ASP A 318 2.54 -14.42 5.49
CA ASP A 318 1.53 -14.60 4.46
C ASP A 318 0.90 -13.25 4.08
N HIS A 319 0.85 -12.97 2.78
CA HIS A 319 0.07 -11.82 2.29
C HIS A 319 -1.34 -11.96 2.86
N TYR A 320 -1.97 -10.88 3.29
CA TYR A 320 -3.25 -11.01 4.02
C TYR A 320 -4.40 -11.41 3.11
N PHE A 321 -4.29 -11.06 1.83
CA PHE A 321 -5.33 -11.33 0.83
C PHE A 321 -5.03 -12.54 -0.05
N ILE A 322 -3.75 -12.88 -0.16
CA ILE A 322 -3.29 -13.92 -1.06
C ILE A 322 -2.37 -14.84 -0.27
N PRO A 323 -2.95 -15.83 0.42
CA PRO A 323 -2.14 -16.55 1.41
C PRO A 323 -0.97 -17.35 0.83
N LYS A 324 -1.02 -17.70 -0.46
CA LYS A 324 0.09 -18.38 -1.15
C LYS A 324 1.35 -17.53 -1.18
N PHE A 325 1.18 -16.22 -1.26
CA PHE A 325 2.30 -15.30 -1.48
C PHE A 325 3.04 -15.01 -0.17
N ASN A 326 4.29 -15.48 -0.08
CA ASN A 326 5.13 -15.26 1.10
C ASN A 326 6.01 -14.03 0.94
N LEU A 327 5.70 -12.98 1.68
CA LEU A 327 6.43 -11.71 1.61
C LEU A 327 7.83 -11.82 2.18
N PHE A 328 8.08 -12.91 2.93
CA PHE A 328 9.36 -13.17 3.57
C PHE A 328 9.98 -14.45 3.03
N SER A 329 9.65 -14.82 1.80
CA SER A 329 10.33 -15.96 1.20
C SER A 329 11.79 -15.64 0.93
N GLN A 330 12.65 -16.66 1.05
CA GLN A 330 14.02 -16.52 0.59
C GLN A 330 14.18 -15.69 -0.68
N GLU A 331 13.27 -15.89 -1.63
CA GLU A 331 13.37 -15.26 -2.95
C GLU A 331 13.14 -13.73 -2.96
N LEU A 332 12.43 -13.20 -1.96
CA LEU A 332 12.16 -11.75 -1.90
C LEU A 332 13.08 -11.05 -0.92
N ILE A 333 13.43 -11.77 0.14
CA ILE A 333 14.29 -11.22 1.17
C ILE A 333 15.26 -12.32 1.58
N ASP A 334 16.55 -12.05 1.54
CA ASP A 334 17.51 -13.08 1.89
C ASP A 334 17.41 -13.37 3.39
N ARG A 335 17.79 -14.60 3.76
CA ARG A 335 17.80 -15.06 5.15
C ARG A 335 18.57 -14.08 6.04
N LYS A 336 19.75 -13.70 5.57
CA LYS A 336 20.67 -12.84 6.32
C LYS A 336 20.01 -11.51 6.64
N SER A 337 19.30 -10.95 5.67
CA SER A 337 18.52 -9.74 5.86
C SER A 337 17.52 -9.92 7.01
N LYS A 338 16.74 -10.99 6.96
CA LYS A 338 15.74 -11.24 8.01
C LYS A 338 16.40 -11.42 9.38
N GLU A 339 17.53 -12.13 9.41
CA GLU A 339 18.24 -12.36 10.67
C GLU A 339 18.86 -11.07 11.23
N PHE A 340 19.24 -10.15 10.35
CA PHE A 340 19.74 -8.84 10.75
C PHE A 340 18.66 -8.00 11.44
N LEU A 341 17.47 -7.99 10.84
CA LEU A 341 16.36 -7.22 11.36
C LEU A 341 15.89 -7.79 12.69
N SER A 342 15.95 -9.11 12.82
CA SER A 342 15.60 -9.78 14.07
C SER A 342 16.43 -9.20 15.20
N LYS A 343 17.74 -9.39 15.15
CA LYS A 343 18.64 -9.00 16.23
C LYS A 343 18.55 -7.53 16.61
N LYS A 344 18.27 -6.67 15.64
CA LYS A 344 18.10 -5.26 15.92
C LYS A 344 16.77 -5.04 16.67
N ILE A 345 15.72 -5.74 16.26
CA ILE A 345 14.44 -5.62 16.94
C ILE A 345 14.57 -6.12 18.38
N GLU A 346 15.10 -7.33 18.55
CA GLU A 346 15.28 -7.90 19.88
C GLU A 346 16.05 -6.93 20.77
N TYR A 347 17.16 -6.39 20.25
CA TYR A 347 17.96 -5.42 21.00
C TYR A 347 17.13 -4.20 21.46
N GLU A 348 16.38 -3.59 20.55
CA GLU A 348 15.54 -2.44 20.89
C GLU A 348 14.44 -2.83 21.88
N ARG A 349 14.05 -4.10 21.82
CA ARG A 349 13.00 -4.61 22.69
C ARG A 349 13.51 -4.83 24.12
N ASN A 350 14.77 -5.22 24.27
CA ASN A 350 15.32 -5.50 25.58
C ASN A 350 16.03 -4.30 26.20
N ASN A 351 15.98 -3.17 25.52
CA ASN A 351 16.69 -1.97 25.99
C ASN A 351 15.80 -0.74 26.03
N GLY A 352 14.49 -0.97 26.00
CA GLY A 352 13.54 0.12 26.10
C GLY A 352 13.49 1.01 24.88
N PHE A 353 13.82 0.43 23.73
CA PHE A 353 13.74 1.12 22.44
C PHE A 353 14.48 2.46 22.43
N PRO A 354 15.83 2.44 22.58
CA PRO A 354 16.56 3.71 22.55
C PRO A 354 16.42 4.43 21.22
N ILE A 355 16.23 3.67 20.14
CA ILE A 355 16.15 4.27 18.82
C ILE A 355 14.93 5.19 18.65
N PHE A 356 13.98 5.13 19.60
CA PHE A 356 12.84 6.07 19.61
C PHE A 356 13.27 7.52 19.92
N ASP A 357 14.58 7.74 20.09
CA ASP A 357 15.16 9.09 20.22
C ASP A 357 16.29 9.31 19.21
ZN ZN D . -10.86 1.37 17.33
CAH A9Y E . 9.23 -0.60 -2.75
CAD A9Y E . 10.47 -1.08 -2.37
CAE A9Y E . 10.52 -1.99 -1.33
CAI A9Y E . 9.31 -2.36 -0.73
CAT A9Y E . 8.14 -1.88 -1.16
CAR A9Y E . 8.10 -1.00 -2.16
CAP A9Y E . 6.83 -0.67 -2.34
OAB A9Y E . 6.47 0.07 -3.24
OAO A9Y E . 6.00 -1.11 -1.35
CAY A9Y E . 6.80 -2.11 -0.72
CAV A9Y E . 6.22 -3.38 -1.02
CAS A9Y E . 4.95 -3.51 -1.37
OAC A9Y E . 4.01 -2.55 -1.53
CAQ A9Y E . 6.67 -4.63 -1.01
CAA A9Y E . 8.04 -5.26 -0.70
NAM A9Y E . 5.67 -5.42 -1.37
NAZ A9Y E . 4.72 -4.81 -1.55
CAU A9Y E . 3.62 -5.41 -1.96
NAL A9Y E . 3.66 -6.64 -2.44
CAW A9Y E . 2.44 -6.95 -2.80
CAJ A9Y E . 1.96 -8.08 -3.33
CAF A9Y E . 0.62 -8.19 -3.64
CAG A9Y E . -0.21 -7.10 -3.39
CAK A9Y E . 0.34 -5.94 -2.83
CAX A9Y E . 1.64 -5.89 -2.55
NAN A9Y E . 2.39 -4.91 -2.03
#